data_6GAQ
#
_entry.id   6GAQ
#
_cell.length_a   101.010
_cell.length_b   125.451
_cell.length_c   59.260
_cell.angle_alpha   90.00
_cell.angle_beta   90.00
_cell.angle_gamma   90.00
#
_symmetry.space_group_name_H-M   'C 2 2 21'
#
loop_
_entity.id
_entity.type
_entity.pdbx_description
1 polymer Flavodoxin
2 non-polymer 'FLAVIN MONONUCLEOTIDE'
3 non-polymer 'CALCIUM ION'
4 non-polymer 'TETRAETHYLENE GLYCOL'
5 non-polymer 'SODIUM ION'
6 water water
#
_entity_poly.entity_id   1
_entity_poly.type   'polypeptide(L)'
_entity_poly.pdbx_seq_one_letter_code
;MLEGDAKVAKILIAYASMSGNTESIADLIKVSLDAFDHEVVLQEMEGMDAEELLAYDGIILGSYTWGDGELPFEAEDFHD
DLENIDLAGKKVAVFGSGDTAYELFCEAVTIFEERLVERGAELVQEGLKIELAPEDEEDVEKCSNFAIAFAEKF
;
_entity_poly.pdbx_strand_id   A,B
#
loop_
_chem_comp.id
_chem_comp.type
_chem_comp.name
_chem_comp.formula
CA non-polymer 'CALCIUM ION' 'Ca 2'
FMN non-polymer 'FLAVIN MONONUCLEOTIDE' 'C17 H21 N4 O9 P'
NA non-polymer 'SODIUM ION' 'Na 1'
PG4 non-polymer 'TETRAETHYLENE GLYCOL' 'C8 H18 O5'
#
# COMPACT_ATOMS: atom_id res chain seq x y z
N ALA A 9 2.82 12.71 18.15
CA ALA A 9 3.47 11.52 17.61
C ALA A 9 2.77 10.26 18.08
N LYS A 10 2.67 9.27 17.21
CA LYS A 10 1.94 8.05 17.55
C LYS A 10 2.69 6.78 17.14
N ILE A 11 2.60 6.40 15.87
CA ILE A 11 3.16 5.15 15.38
C ILE A 11 4.31 5.45 14.44
N LEU A 12 5.41 4.71 14.62
CA LEU A 12 6.60 4.86 13.79
C LEU A 12 6.87 3.56 13.05
N ILE A 13 7.18 3.68 11.76
CA ILE A 13 7.54 2.55 10.92
C ILE A 13 8.99 2.76 10.48
N ALA A 14 9.91 2.05 11.11
CA ALA A 14 11.33 2.08 10.75
C ALA A 14 11.66 0.80 10.00
N TYR A 15 12.15 0.96 8.77
CA TYR A 15 12.37 -0.19 7.89
C TYR A 15 13.78 -0.15 7.31
N ALA A 16 14.31 -1.34 7.04
CA ALA A 16 15.57 -1.53 6.33
C ALA A 16 15.27 -2.24 5.03
N SER A 17 15.50 -1.56 3.91
CA SER A 17 15.22 -2.13 2.60
C SER A 17 16.36 -1.81 1.64
N MET A 18 16.75 -2.81 0.87
CA MET A 18 17.81 -2.68 -0.13
C MET A 18 17.30 -2.74 -1.55
N SER A 19 16.38 -3.66 -1.86
CA SER A 19 15.83 -3.80 -3.19
C SER A 19 14.38 -3.36 -3.30
N GLY A 20 13.80 -2.83 -2.22
CA GLY A 20 12.49 -2.22 -2.27
C GLY A 20 11.34 -3.08 -1.78
N ASN A 21 11.57 -4.37 -1.53
CA ASN A 21 10.47 -5.24 -1.11
C ASN A 21 9.95 -4.86 0.28
N THR A 22 10.86 -4.74 1.25
CA THR A 22 10.45 -4.33 2.59
C THR A 22 9.88 -2.93 2.59
N GLU A 23 10.46 -2.03 1.77
CA GLU A 23 9.95 -0.67 1.67
C GLU A 23 8.50 -0.67 1.17
N SER A 24 8.19 -1.53 0.20
CA SER A 24 6.82 -1.61 -0.30
C SER A 24 5.87 -2.11 0.78
N ILE A 25 6.33 -3.03 1.63
CA ILE A 25 5.52 -3.48 2.76
C ILE A 25 5.29 -2.33 3.73
N ALA A 26 6.34 -1.54 3.99
CA ALA A 26 6.20 -0.41 4.89
C ALA A 26 5.19 0.61 4.36
N ASP A 27 5.15 0.80 3.04
CA ASP A 27 4.21 1.75 2.45
C ASP A 27 2.78 1.26 2.63
N LEU A 28 2.54 -0.05 2.44
CA LEU A 28 1.19 -0.58 2.58
C LEU A 28 0.70 -0.46 4.03
N ILE A 29 1.57 -0.75 4.99
CA ILE A 29 1.17 -0.69 6.39
C ILE A 29 0.84 0.74 6.80
N LYS A 30 1.62 1.72 6.32
CA LYS A 30 1.37 3.11 6.67
C LYS A 30 0.02 3.57 6.17
N VAL A 31 -0.34 3.20 4.93
CA VAL A 31 -1.60 3.64 4.35
C VAL A 31 -2.79 3.10 5.16
N SER A 32 -2.71 1.84 5.57
CA SER A 32 -3.74 1.28 6.44
C SER A 32 -3.80 2.03 7.76
N LEU A 33 -2.65 2.26 8.37
CA LEU A 33 -2.59 3.02 9.62
C LEU A 33 -2.98 4.47 9.43
N ASP A 34 -2.93 4.98 8.20
CA ASP A 34 -3.43 6.33 7.94
C ASP A 34 -4.96 6.39 8.05
N ALA A 35 -5.64 5.34 7.58
CA ALA A 35 -7.10 5.35 7.53
C ALA A 35 -7.69 5.48 8.92
N PHE A 36 -7.11 4.79 9.90
CA PHE A 36 -7.34 5.15 11.29
C PHE A 36 -6.55 6.42 11.57
N ASP A 37 -7.21 7.43 12.12
CA ASP A 37 -6.57 8.75 12.18
C ASP A 37 -5.37 8.77 13.11
N HIS A 38 -4.44 7.83 12.91
CA HIS A 38 -3.17 7.77 13.61
C HIS A 38 -2.14 8.65 12.91
N GLU A 39 -1.09 9.00 13.65
CA GLU A 39 0.02 9.79 13.14
C GLU A 39 1.16 8.83 12.82
N VAL A 40 1.40 8.59 11.53
CA VAL A 40 2.27 7.52 11.06
C VAL A 40 3.49 8.14 10.40
N VAL A 41 4.66 7.96 11.01
CA VAL A 41 5.93 8.41 10.46
C VAL A 41 6.65 7.23 9.84
N LEU A 42 7.23 7.44 8.67
CA LEU A 42 7.89 6.39 7.89
C LEU A 42 9.37 6.76 7.72
N GLN A 43 10.25 5.94 8.28
CA GLN A 43 11.68 6.25 8.30
C GLN A 43 12.49 5.00 7.99
N GLU A 44 13.69 5.22 7.44
CA GLU A 44 14.68 4.17 7.32
C GLU A 44 15.44 4.06 8.64
N MET A 45 15.80 2.82 8.99
CA MET A 45 16.44 2.58 10.29
C MET A 45 17.95 2.77 10.26
N GLU A 46 18.56 2.81 9.09
CA GLU A 46 19.99 3.09 9.00
C GLU A 46 20.26 4.54 9.41
N GLY A 47 21.38 4.75 10.11
CA GLY A 47 21.78 6.07 10.52
C GLY A 47 20.81 6.72 11.48
N MET A 48 19.86 5.92 11.95
CA MET A 48 18.78 6.38 12.82
C MET A 48 19.14 6.06 14.27
N ASP A 49 19.33 7.10 15.08
CA ASP A 49 19.60 6.89 16.49
C ASP A 49 18.36 6.29 17.16
N ALA A 50 18.55 5.16 17.83
CA ALA A 50 17.44 4.41 18.40
C ALA A 50 16.71 5.15 19.52
N GLU A 51 17.24 6.29 19.97
CA GLU A 51 16.56 7.08 20.99
C GLU A 51 15.23 7.62 20.51
N GLU A 52 15.05 7.77 19.21
CA GLU A 52 13.86 8.42 18.65
C GLU A 52 12.58 7.64 18.92
N LEU A 53 12.67 6.35 19.24
CA LEU A 53 11.48 5.51 19.36
C LEU A 53 10.62 5.89 20.56
N LEU A 54 11.18 6.54 21.57
CA LEU A 54 10.46 6.79 22.81
C LEU A 54 9.44 7.92 22.70
N ALA A 55 9.46 8.69 21.61
CA ALA A 55 8.45 9.72 21.40
C ALA A 55 7.12 9.14 20.93
N TYR A 56 7.11 7.90 20.48
CA TYR A 56 5.94 7.28 19.86
C TYR A 56 5.18 6.42 20.86
N ASP A 57 3.89 6.20 20.56
CA ASP A 57 3.10 5.23 21.30
C ASP A 57 3.20 3.83 20.70
N GLY A 58 3.36 3.74 19.39
CA GLY A 58 3.57 2.46 18.74
C GLY A 58 4.77 2.53 17.82
N ILE A 59 5.43 1.39 17.65
CA ILE A 59 6.62 1.27 16.83
C ILE A 59 6.56 -0.02 16.04
N ILE A 60 6.70 0.06 14.73
CA ILE A 60 6.71 -1.10 13.86
C ILE A 60 8.04 -1.14 13.13
N LEU A 61 8.86 -2.15 13.43
CA LEU A 61 10.13 -2.32 12.75
C LEU A 61 9.96 -3.27 11.57
N GLY A 62 10.84 -3.10 10.58
CA GLY A 62 10.81 -3.94 9.40
C GLY A 62 12.19 -4.10 8.78
N SER A 63 12.53 -5.31 8.36
CA SER A 63 13.85 -5.55 7.79
C SER A 63 13.81 -6.81 6.95
N TYR A 64 14.59 -6.78 5.87
CA TYR A 64 14.83 -7.99 5.09
C TYR A 64 15.92 -8.83 5.76
N THR A 65 16.00 -10.09 5.35
CA THR A 65 17.00 -11.01 5.89
C THR A 65 18.13 -11.20 4.89
N TRP A 66 19.36 -11.15 5.38
CA TRP A 66 20.53 -11.31 4.55
C TRP A 66 21.15 -12.69 4.79
N GLY A 67 22.41 -12.87 4.37
CA GLY A 67 23.07 -14.16 4.38
C GLY A 67 23.03 -14.92 5.68
N ASP A 68 22.62 -16.19 5.60
CA ASP A 68 22.61 -17.12 6.73
C ASP A 68 21.72 -16.62 7.87
N GLY A 69 20.56 -16.09 7.50
CA GLY A 69 19.60 -15.63 8.49
C GLY A 69 20.08 -14.48 9.35
N GLU A 70 21.14 -13.81 8.94
CA GLU A 70 21.68 -12.68 9.69
C GLU A 70 21.00 -11.38 9.26
N LEU A 71 20.96 -10.42 10.17
CA LEU A 71 20.49 -9.09 9.83
C LEU A 71 21.40 -8.49 8.77
N PRO A 72 20.87 -7.66 7.88
CA PRO A 72 21.72 -6.94 6.94
C PRO A 72 22.65 -6.00 7.67
N PHE A 73 23.76 -5.64 7.00
CA PHE A 73 24.76 -4.76 7.58
C PHE A 73 24.16 -3.47 8.11
N GLU A 74 23.10 -2.99 7.47
CA GLU A 74 22.49 -1.71 7.83
C GLU A 74 21.67 -1.80 9.11
N ALA A 75 21.09 -2.97 9.38
CA ALA A 75 20.15 -3.13 10.49
C ALA A 75 20.81 -3.63 11.77
N GLU A 76 21.97 -4.29 11.68
CA GLU A 76 22.64 -4.77 12.89
C GLU A 76 23.12 -3.62 13.75
N ASP A 77 23.56 -2.51 13.14
CA ASP A 77 23.94 -1.35 13.91
C ASP A 77 22.75 -0.77 14.66
N PHE A 78 21.61 -0.63 13.98
CA PHE A 78 20.40 -0.16 14.66
C PHE A 78 19.90 -1.17 15.68
N HIS A 79 20.06 -2.46 15.41
CA HIS A 79 19.63 -3.49 16.36
C HIS A 79 20.50 -3.45 17.61
N ASP A 80 21.82 -3.43 17.45
CA ASP A 80 22.71 -3.24 18.58
C ASP A 80 22.48 -1.88 19.25
N ASP A 81 22.09 -0.88 18.47
CA ASP A 81 21.81 0.45 19.02
C ASP A 81 20.65 0.44 20.00
N LEU A 82 19.74 -0.52 19.89
CA LEU A 82 18.61 -0.59 20.80
C LEU A 82 19.01 -1.00 22.22
N GLU A 83 20.26 -1.44 22.41
CA GLU A 83 20.67 -2.06 23.68
C GLU A 83 20.46 -1.14 24.88
N ASN A 84 20.44 0.18 24.66
CA ASN A 84 20.49 1.14 25.75
C ASN A 84 19.24 2.03 25.81
N ILE A 85 18.06 1.46 25.61
CA ILE A 85 16.81 2.21 25.75
C ILE A 85 15.76 1.31 26.37
N ASP A 86 14.89 1.92 27.19
CA ASP A 86 13.79 1.24 27.86
C ASP A 86 12.52 1.48 27.05
N LEU A 87 11.97 0.42 26.47
CA LEU A 87 10.76 0.49 25.66
C LEU A 87 9.52 0.05 26.42
N ALA A 88 9.54 0.13 27.75
CA ALA A 88 8.39 -0.28 28.54
C ALA A 88 7.19 0.62 28.24
N GLY A 89 6.06 -0.01 27.93
CA GLY A 89 4.85 0.70 27.57
C GLY A 89 4.64 0.91 26.09
N LYS A 90 5.66 0.62 25.27
CA LYS A 90 5.56 0.78 23.83
C LYS A 90 4.97 -0.48 23.20
N LYS A 91 3.88 -0.33 22.47
CA LYS A 91 3.27 -1.44 21.74
C LYS A 91 3.94 -1.54 20.38
N VAL A 92 4.52 -2.70 20.09
CA VAL A 92 5.39 -2.86 18.92
C VAL A 92 4.96 -4.06 18.09
N ALA A 93 5.45 -4.09 16.85
CA ALA A 93 5.27 -5.21 15.95
C ALA A 93 6.44 -5.21 14.96
N VAL A 94 6.58 -6.32 14.22
CA VAL A 94 7.69 -6.51 13.31
C VAL A 94 7.16 -7.09 12.00
N PHE A 95 7.82 -6.73 10.89
CA PHE A 95 7.54 -7.34 9.60
C PHE A 95 8.86 -7.51 8.84
N GLY A 96 8.79 -8.19 7.71
CA GLY A 96 9.98 -8.41 6.91
C GLY A 96 9.65 -9.14 5.63
N SER A 97 10.59 -9.05 4.70
CA SER A 97 10.49 -9.73 3.40
C SER A 97 11.70 -10.63 3.23
N GLY A 98 11.45 -11.91 2.97
CA GLY A 98 12.48 -12.90 2.77
C GLY A 98 12.28 -13.67 1.48
N ASP A 99 12.84 -14.89 1.47
CA ASP A 99 12.72 -15.77 0.32
C ASP A 99 12.77 -17.19 0.84
N THR A 100 11.70 -17.95 0.62
CA THR A 100 11.59 -19.31 1.12
C THR A 100 12.62 -20.25 0.52
N ALA A 101 13.41 -19.80 -0.45
CA ALA A 101 14.50 -20.61 -0.96
C ALA A 101 15.63 -20.78 0.05
N TYR A 102 15.56 -20.09 1.20
CA TYR A 102 16.56 -20.18 2.24
C TYR A 102 16.01 -20.94 3.44
N GLU A 103 16.92 -21.55 4.20
CA GLU A 103 16.51 -22.27 5.41
C GLU A 103 15.88 -21.33 6.42
N LEU A 104 16.52 -20.18 6.68
CA LEU A 104 16.08 -19.25 7.69
C LEU A 104 15.24 -18.15 7.03
N PHE A 105 13.99 -18.50 6.73
CA PHE A 105 13.08 -17.56 6.07
C PHE A 105 12.64 -16.50 7.07
N CYS A 106 13.03 -15.24 6.81
CA CYS A 106 12.63 -14.10 7.62
C CYS A 106 13.10 -14.25 9.07
N GLU A 107 14.36 -14.68 9.26
CA GLU A 107 14.93 -14.70 10.60
C GLU A 107 14.99 -13.30 11.20
N ALA A 108 15.13 -12.28 10.36
CA ALA A 108 15.18 -10.90 10.83
C ALA A 108 13.93 -10.52 11.62
N VAL A 109 12.78 -11.09 11.25
CA VAL A 109 11.55 -10.84 11.98
C VAL A 109 11.67 -11.38 13.40
N THR A 110 12.24 -12.58 13.54
CA THR A 110 12.44 -13.16 14.87
C THR A 110 13.48 -12.37 15.66
N ILE A 111 14.55 -11.94 15.01
CA ILE A 111 15.62 -11.22 15.69
C ILE A 111 15.10 -9.93 16.31
N PHE A 112 14.41 -9.12 15.52
CA PHE A 112 13.91 -7.85 16.04
C PHE A 112 12.80 -8.05 17.06
N GLU A 113 12.05 -9.16 16.95
CA GLU A 113 11.00 -9.42 17.92
C GLU A 113 11.60 -9.73 19.30
N GLU A 114 12.66 -10.52 19.33
CA GLU A 114 13.32 -10.81 20.61
C GLU A 114 13.94 -9.56 21.21
N ARG A 115 14.58 -8.74 20.37
CA ARG A 115 15.25 -7.54 20.87
C ARG A 115 14.24 -6.56 21.46
N LEU A 116 13.11 -6.35 20.78
CA LEU A 116 12.10 -5.43 21.30
C LEU A 116 11.52 -5.93 22.62
N VAL A 117 11.27 -7.24 22.72
CA VAL A 117 10.79 -7.81 23.97
C VAL A 117 11.89 -7.75 25.03
N GLU A 118 13.13 -7.96 24.62
CA GLU A 118 14.28 -7.88 25.53
C GLU A 118 14.44 -6.51 26.16
N ARG A 119 13.73 -5.49 25.66
CA ARG A 119 13.87 -4.13 26.15
C ARG A 119 12.56 -3.57 26.71
N GLY A 120 11.59 -4.44 26.99
CA GLY A 120 10.38 -4.04 27.69
C GLY A 120 9.20 -3.69 26.81
N ALA A 121 9.33 -3.76 25.50
CA ALA A 121 8.22 -3.41 24.62
C ALA A 121 7.13 -4.48 24.67
N GLU A 122 5.88 -4.04 24.52
CA GLU A 122 4.73 -4.95 24.48
C GLU A 122 4.54 -5.39 23.03
N LEU A 123 4.98 -6.60 22.72
CA LEU A 123 4.81 -7.17 21.39
C LEU A 123 3.37 -7.64 21.24
N VAL A 124 2.59 -6.96 20.39
CA VAL A 124 1.15 -7.19 20.34
C VAL A 124 0.74 -8.32 19.40
N GLN A 125 1.59 -8.71 18.45
CA GLN A 125 1.22 -9.75 17.51
C GLN A 125 2.47 -10.32 16.86
N GLU A 126 2.32 -11.52 16.31
CA GLU A 126 3.42 -12.18 15.60
C GLU A 126 3.77 -11.41 14.34
N GLY A 127 5.04 -11.51 13.94
CA GLY A 127 5.52 -10.71 12.84
C GLY A 127 4.93 -11.12 11.50
N LEU A 128 4.90 -10.15 10.59
CA LEU A 128 4.45 -10.37 9.22
C LEU A 128 5.62 -10.82 8.37
N LYS A 129 5.45 -11.96 7.70
CA LYS A 129 6.49 -12.56 6.86
C LYS A 129 6.00 -12.59 5.43
N ILE A 130 6.60 -11.76 4.57
CA ILE A 130 6.26 -11.68 3.16
C ILE A 130 7.43 -12.25 2.37
N GLU A 131 7.13 -12.96 1.27
CA GLU A 131 8.19 -13.49 0.42
C GLU A 131 8.40 -12.54 -0.75
N LEU A 132 9.62 -11.99 -0.83
CA LEU A 132 10.03 -11.09 -1.92
C LEU A 132 9.14 -9.85 -1.85
N ALA A 133 8.64 -9.34 -2.98
CA ALA A 133 7.79 -8.15 -3.00
C ALA A 133 6.33 -8.53 -2.76
N PRO A 134 5.56 -7.65 -2.11
CA PRO A 134 4.12 -7.89 -1.96
C PRO A 134 3.34 -7.54 -3.22
N GLU A 135 3.60 -8.29 -4.29
CA GLU A 135 3.16 -7.94 -5.63
C GLU A 135 2.01 -8.83 -6.13
N ASP A 136 1.20 -9.38 -5.22
CA ASP A 136 0.04 -10.15 -5.62
C ASP A 136 -1.06 -9.94 -4.58
N GLU A 137 -2.24 -10.51 -4.86
CA GLU A 137 -3.43 -10.18 -4.10
C GLU A 137 -3.32 -10.64 -2.64
N GLU A 138 -2.84 -11.85 -2.40
CA GLU A 138 -2.80 -12.35 -1.03
C GLU A 138 -1.63 -11.81 -0.23
N ASP A 139 -0.60 -11.26 -0.90
CA ASP A 139 0.43 -10.54 -0.16
C ASP A 139 -0.09 -9.18 0.31
N VAL A 140 -0.82 -8.49 -0.55
CA VAL A 140 -1.44 -7.22 -0.16
C VAL A 140 -2.45 -7.45 0.96
N GLU A 141 -3.18 -8.56 0.90
CA GLU A 141 -4.13 -8.87 1.97
C GLU A 141 -3.43 -9.31 3.24
N LYS A 142 -2.24 -9.90 3.12
CA LYS A 142 -1.45 -10.21 4.31
C LYS A 142 -1.04 -8.94 5.04
N CYS A 143 -0.55 -7.95 4.29
CA CYS A 143 -0.18 -6.68 4.89
C CYS A 143 -1.39 -5.95 5.43
N SER A 144 -2.52 -6.02 4.72
CA SER A 144 -3.73 -5.32 5.16
C SER A 144 -4.25 -5.89 6.48
N ASN A 145 -4.21 -7.21 6.63
CA ASN A 145 -4.66 -7.82 7.88
C ASN A 145 -3.70 -7.51 9.02
N PHE A 146 -2.40 -7.52 8.75
CA PHE A 146 -1.41 -7.26 9.79
C PHE A 146 -1.55 -5.84 10.33
N ALA A 147 -1.67 -4.87 9.44
CA ALA A 147 -1.73 -3.47 9.87
C ALA A 147 -3.04 -3.17 10.60
N ILE A 148 -4.14 -3.80 10.21
CA ILE A 148 -5.43 -3.55 10.86
C ILE A 148 -5.43 -4.12 12.26
N ALA A 149 -4.89 -5.33 12.44
CA ALA A 149 -4.82 -5.92 13.77
C ALA A 149 -3.96 -5.08 14.71
N PHE A 150 -2.88 -4.50 14.18
CA PHE A 150 -2.07 -3.58 14.98
C PHE A 150 -2.86 -2.35 15.38
N ALA A 151 -3.68 -1.82 14.46
CA ALA A 151 -4.51 -0.68 14.79
C ALA A 151 -5.58 -1.04 15.82
N GLU A 152 -6.06 -2.28 15.80
CA GLU A 152 -7.04 -2.72 16.80
C GLU A 152 -6.43 -2.74 18.19
N LYS A 153 -5.11 -2.91 18.28
CA LYS A 153 -4.43 -2.81 19.57
C LYS A 153 -4.34 -1.38 20.08
N PHE A 154 -4.73 -0.40 19.27
CA PHE A 154 -4.69 1.00 19.67
C PHE A 154 -6.09 1.59 19.74
N ALA B 9 -19.91 -1.29 2.42
CA ALA B 9 -19.98 -0.94 1.02
C ALA B 9 -19.03 -1.81 0.20
N LYS B 10 -19.45 -2.16 -1.02
CA LYS B 10 -18.66 -3.00 -1.92
C LYS B 10 -18.01 -2.10 -2.97
N ILE B 11 -16.68 -1.98 -2.89
CA ILE B 11 -15.91 -1.16 -3.81
C ILE B 11 -15.03 -2.05 -4.66
N LEU B 12 -14.95 -1.75 -5.95
CA LEU B 12 -14.14 -2.50 -6.90
C LEU B 12 -13.02 -1.62 -7.43
N ILE B 13 -11.81 -2.15 -7.45
CA ILE B 13 -10.65 -1.45 -8.00
C ILE B 13 -10.19 -2.25 -9.20
N ALA B 14 -10.59 -1.82 -10.39
CA ALA B 14 -10.13 -2.43 -11.65
C ALA B 14 -9.00 -1.57 -12.21
N TYR B 15 -7.87 -2.20 -12.51
CA TYR B 15 -6.69 -1.47 -12.93
C TYR B 15 -6.02 -2.15 -14.11
N ALA B 16 -5.39 -1.34 -14.95
CA ALA B 16 -4.55 -1.81 -16.04
C ALA B 16 -3.13 -1.35 -15.78
N SER B 17 -2.21 -2.30 -15.59
CA SER B 17 -0.83 -1.99 -15.28
C SER B 17 0.08 -2.93 -16.04
N MET B 18 1.17 -2.37 -16.58
CA MET B 18 2.15 -3.13 -17.34
C MET B 18 3.44 -3.37 -16.58
N SER B 19 4.08 -2.31 -16.08
CA SER B 19 5.35 -2.41 -15.38
C SER B 19 5.20 -2.33 -13.87
N GLY B 20 3.97 -2.32 -13.36
CA GLY B 20 3.73 -2.41 -11.93
C GLY B 20 3.41 -1.11 -11.22
N ASN B 21 3.60 0.03 -11.87
CA ASN B 21 3.37 1.31 -11.20
C ASN B 21 1.91 1.50 -10.85
N THR B 22 1.01 1.33 -11.83
CA THR B 22 -0.41 1.46 -11.54
C THR B 22 -0.90 0.37 -10.58
N GLU B 23 -0.30 -0.82 -10.64
CA GLU B 23 -0.66 -1.88 -9.70
C GLU B 23 -0.30 -1.50 -8.28
N SER B 24 0.84 -0.83 -8.09
CA SER B 24 1.23 -0.39 -6.76
C SER B 24 0.25 0.63 -6.20
N ILE B 25 -0.24 1.53 -7.04
CA ILE B 25 -1.26 2.48 -6.61
C ILE B 25 -2.53 1.74 -6.20
N ALA B 26 -2.92 0.74 -6.99
CA ALA B 26 -4.12 -0.03 -6.67
C ALA B 26 -3.97 -0.77 -5.35
N ASP B 27 -2.77 -1.29 -5.07
CA ASP B 27 -2.54 -1.97 -3.80
C ASP B 27 -2.65 -1.01 -2.62
N LEU B 28 -2.13 0.21 -2.78
CA LEU B 28 -2.21 1.19 -1.71
C LEU B 28 -3.67 1.58 -1.44
N ILE B 29 -4.46 1.77 -2.50
CA ILE B 29 -5.84 2.22 -2.32
C ILE B 29 -6.67 1.14 -1.64
N LYS B 30 -6.51 -0.12 -2.06
CA LYS B 30 -7.27 -1.20 -1.44
C LYS B 30 -6.98 -1.31 0.06
N VAL B 31 -5.71 -1.18 0.43
CA VAL B 31 -5.32 -1.30 1.84
C VAL B 31 -5.98 -0.22 2.67
N SER B 32 -6.11 0.99 2.11
CA SER B 32 -6.79 2.08 2.83
C SER B 32 -8.27 1.79 2.98
N LEU B 33 -8.95 1.40 1.89
CA LEU B 33 -10.38 1.14 1.96
C LEU B 33 -10.69 -0.10 2.77
N ASP B 34 -9.75 -1.04 2.87
CA ASP B 34 -9.93 -2.19 3.76
C ASP B 34 -10.15 -1.73 5.20
N ALA B 35 -9.39 -0.72 5.64
CA ALA B 35 -9.44 -0.29 7.03
C ALA B 35 -10.78 0.32 7.41
N PHE B 36 -11.56 0.80 6.44
CA PHE B 36 -12.91 1.27 6.69
C PHE B 36 -13.94 0.14 6.66
N ASP B 37 -13.49 -1.10 6.84
CA ASP B 37 -14.37 -2.28 6.83
C ASP B 37 -15.15 -2.40 5.52
N HIS B 38 -14.59 -1.88 4.43
CA HIS B 38 -15.23 -2.00 3.13
C HIS B 38 -14.88 -3.32 2.47
N GLU B 39 -15.69 -3.71 1.49
CA GLU B 39 -15.49 -4.93 0.72
C GLU B 39 -14.81 -4.54 -0.58
N VAL B 40 -13.50 -4.80 -0.67
CA VAL B 40 -12.66 -4.27 -1.74
C VAL B 40 -12.14 -5.43 -2.57
N VAL B 41 -12.58 -5.51 -3.82
CA VAL B 41 -12.05 -6.47 -4.79
C VAL B 41 -11.09 -5.75 -5.71
N LEU B 42 -9.96 -6.38 -6.00
CA LEU B 42 -8.91 -5.79 -6.83
C LEU B 42 -8.62 -6.73 -7.99
N GLN B 43 -8.90 -6.28 -9.22
CA GLN B 43 -8.76 -7.10 -10.41
C GLN B 43 -8.04 -6.34 -11.51
N GLU B 44 -7.37 -7.09 -12.37
CA GLU B 44 -6.85 -6.52 -13.60
C GLU B 44 -7.99 -6.29 -14.59
N MET B 45 -7.78 -5.35 -15.51
CA MET B 45 -8.85 -4.99 -16.44
C MET B 45 -9.05 -6.06 -17.51
N GLU B 46 -7.99 -6.72 -17.93
CA GLU B 46 -8.12 -7.85 -18.83
C GLU B 46 -8.50 -9.10 -18.04
N GLY B 47 -9.21 -10.02 -18.70
CA GLY B 47 -9.81 -11.12 -18.00
C GLY B 47 -11.01 -10.75 -17.18
N MET B 48 -11.48 -9.51 -17.29
CA MET B 48 -12.64 -9.01 -16.56
C MET B 48 -13.55 -8.30 -17.55
N ASP B 49 -14.77 -8.80 -17.70
CA ASP B 49 -15.75 -8.20 -18.60
C ASP B 49 -16.58 -7.17 -17.83
N ALA B 50 -16.99 -6.10 -18.54
CA ALA B 50 -17.36 -4.86 -17.90
C ALA B 50 -18.70 -4.90 -17.17
N GLU B 51 -19.48 -5.96 -17.34
CA GLU B 51 -20.79 -6.01 -16.70
C GLU B 51 -20.70 -6.22 -15.19
N GLU B 52 -19.55 -6.62 -14.66
CA GLU B 52 -19.43 -6.89 -13.23
C GLU B 52 -19.53 -5.64 -12.38
N LEU B 53 -19.32 -4.46 -12.98
CA LEU B 53 -19.37 -3.21 -12.23
C LEU B 53 -20.72 -3.00 -11.55
N LEU B 54 -21.79 -3.61 -12.08
CA LEU B 54 -23.12 -3.42 -11.52
C LEU B 54 -23.29 -4.09 -10.16
N ALA B 55 -22.40 -5.01 -9.78
CA ALA B 55 -22.50 -5.67 -8.49
C ALA B 55 -22.01 -4.80 -7.34
N TYR B 56 -21.20 -3.79 -7.63
CA TYR B 56 -20.54 -3.00 -6.59
C TYR B 56 -21.29 -1.69 -6.33
N ASP B 57 -21.09 -1.17 -5.13
CA ASP B 57 -21.59 0.16 -4.79
C ASP B 57 -20.62 1.24 -5.24
N GLY B 58 -19.32 0.97 -5.16
CA GLY B 58 -18.31 1.89 -5.63
C GLY B 58 -17.39 1.21 -6.62
N ILE B 59 -16.89 1.99 -7.57
CA ILE B 59 -15.99 1.49 -8.60
C ILE B 59 -14.85 2.48 -8.78
N ILE B 60 -13.61 1.98 -8.71
CA ILE B 60 -12.43 2.81 -8.91
C ILE B 60 -11.62 2.18 -10.04
N LEU B 61 -11.47 2.90 -11.15
CA LEU B 61 -10.69 2.44 -12.28
C LEU B 61 -9.30 3.06 -12.25
N GLY B 62 -8.35 2.35 -12.84
CA GLY B 62 -6.97 2.82 -12.88
C GLY B 62 -6.22 2.34 -14.10
N SER B 63 -5.43 3.22 -14.71
CA SER B 63 -4.70 2.86 -15.91
C SER B 63 -3.54 3.82 -16.11
N TYR B 64 -2.44 3.29 -16.62
CA TYR B 64 -1.34 4.13 -17.07
C TYR B 64 -1.66 4.68 -18.46
N THR B 65 -0.84 5.61 -18.92
CA THR B 65 -1.03 6.25 -20.21
C THR B 65 0.02 5.76 -21.20
N TRP B 66 -0.39 5.58 -22.45
CA TRP B 66 0.48 5.09 -23.50
C TRP B 66 0.71 6.19 -24.54
N GLY B 67 1.25 5.78 -25.69
CA GLY B 67 1.69 6.70 -26.73
C GLY B 67 0.68 7.74 -27.17
N ASP B 68 1.11 9.00 -27.22
CA ASP B 68 0.28 10.12 -27.68
C ASP B 68 -1.00 10.26 -26.85
N GLY B 69 -0.89 10.01 -25.55
CA GLY B 69 -2.03 10.18 -24.67
C GLY B 69 -3.14 9.18 -24.87
N GLU B 70 -2.87 8.07 -25.57
CA GLU B 70 -3.88 7.04 -25.79
C GLU B 70 -3.88 6.05 -24.63
N LEU B 71 -5.03 5.43 -24.41
CA LEU B 71 -5.12 4.36 -23.43
C LEU B 71 -4.22 3.20 -23.84
N PRO B 72 -3.70 2.44 -22.87
CA PRO B 72 -2.97 1.22 -23.22
C PRO B 72 -3.92 0.23 -23.87
N PHE B 73 -3.36 -0.63 -24.72
CA PHE B 73 -4.18 -1.41 -25.64
C PHE B 73 -4.99 -2.49 -24.92
N GLU B 74 -4.71 -2.78 -23.66
CA GLU B 74 -5.55 -3.66 -22.86
C GLU B 74 -6.57 -2.89 -22.02
N ALA B 75 -6.42 -1.57 -21.91
CA ALA B 75 -7.40 -0.74 -21.20
C ALA B 75 -8.40 -0.09 -22.14
N GLU B 76 -8.02 0.14 -23.40
CA GLU B 76 -9.00 0.59 -24.39
C GLU B 76 -10.05 -0.48 -24.64
N ASP B 77 -9.67 -1.76 -24.52
CA ASP B 77 -10.64 -2.84 -24.65
C ASP B 77 -11.65 -2.79 -23.51
N PHE B 78 -11.17 -2.69 -22.27
CA PHE B 78 -12.09 -2.48 -21.16
C PHE B 78 -12.91 -1.23 -21.38
N HIS B 79 -12.28 -0.16 -21.88
CA HIS B 79 -12.99 1.09 -22.11
C HIS B 79 -14.07 0.93 -23.17
N ASP B 80 -13.79 0.17 -24.23
CA ASP B 80 -14.80 -0.01 -25.27
C ASP B 80 -15.93 -0.92 -24.79
N ASP B 81 -15.60 -1.90 -23.93
CA ASP B 81 -16.58 -2.85 -23.43
C ASP B 81 -17.65 -2.23 -22.54
N LEU B 82 -17.58 -0.95 -22.21
CA LEU B 82 -18.66 -0.32 -21.44
C LEU B 82 -19.63 0.46 -22.29
N GLU B 83 -19.60 0.28 -23.62
CA GLU B 83 -20.40 1.10 -24.53
C GLU B 83 -21.85 1.23 -24.09
N ASN B 84 -22.40 0.23 -23.41
CA ASN B 84 -23.85 0.16 -23.27
C ASN B 84 -24.27 -0.12 -21.83
N ILE B 85 -23.48 0.28 -20.85
CA ILE B 85 -23.74 -0.02 -19.45
C ILE B 85 -24.36 1.21 -18.77
N ASP B 86 -25.40 0.97 -17.98
CA ASP B 86 -25.99 2.01 -17.14
C ASP B 86 -25.35 1.92 -15.76
N LEU B 87 -24.50 2.90 -15.43
CA LEU B 87 -23.83 2.95 -14.14
C LEU B 87 -24.44 4.02 -13.22
N ALA B 88 -25.72 4.33 -13.41
CA ALA B 88 -26.39 5.27 -12.54
C ALA B 88 -26.45 4.72 -11.13
N GLY B 89 -26.21 5.59 -10.15
CA GLY B 89 -26.14 5.19 -8.76
C GLY B 89 -24.76 4.76 -8.29
N LYS B 90 -23.83 4.55 -9.19
CA LYS B 90 -22.48 4.11 -8.82
C LYS B 90 -21.63 5.32 -8.43
N LYS B 91 -20.99 5.22 -7.28
CA LYS B 91 -20.00 6.21 -6.85
C LYS B 91 -18.64 5.77 -7.37
N VAL B 92 -17.97 6.64 -8.12
CA VAL B 92 -16.78 6.23 -8.87
C VAL B 92 -15.64 7.23 -8.68
N ALA B 93 -14.44 6.76 -9.02
CA ALA B 93 -13.24 7.58 -9.04
C ALA B 93 -12.25 6.93 -10.01
N VAL B 94 -11.20 7.67 -10.36
CA VAL B 94 -10.20 7.21 -11.32
C VAL B 94 -8.81 7.57 -10.80
N PHE B 95 -7.84 6.69 -11.07
CA PHE B 95 -6.45 6.96 -10.77
C PHE B 95 -5.60 6.51 -11.96
N GLY B 96 -4.31 6.84 -11.91
CA GLY B 96 -3.42 6.47 -13.00
C GLY B 96 -2.00 6.91 -12.70
N SER B 97 -1.07 6.31 -13.44
CA SER B 97 0.35 6.60 -13.34
C SER B 97 0.87 7.02 -14.70
N GLY B 98 1.58 8.15 -14.75
CA GLY B 98 2.06 8.71 -15.99
C GLY B 98 3.52 9.14 -15.88
N ASP B 99 3.87 10.11 -16.72
CA ASP B 99 5.26 10.60 -16.76
C ASP B 99 5.21 12.03 -17.28
N THR B 100 5.62 12.97 -16.43
CA THR B 100 5.66 14.38 -16.77
C THR B 100 6.47 14.68 -18.04
N ALA B 101 7.43 13.83 -18.39
CA ALA B 101 8.21 13.99 -19.63
C ALA B 101 7.35 14.01 -20.88
N TYR B 102 6.08 13.61 -20.80
CA TYR B 102 5.19 13.63 -21.95
C TYR B 102 4.22 14.80 -21.84
N GLU B 103 3.78 15.31 -23.00
CA GLU B 103 2.87 16.45 -23.03
C GLU B 103 1.55 16.13 -22.34
N LEU B 104 1.00 14.95 -22.62
CA LEU B 104 -0.31 14.56 -22.09
C LEU B 104 -0.11 13.66 -20.87
N PHE B 105 0.21 14.31 -19.74
CA PHE B 105 0.50 13.58 -18.52
C PHE B 105 -0.76 12.98 -17.94
N CYS B 106 -0.78 11.65 -17.82
CA CYS B 106 -1.90 10.91 -17.22
C CYS B 106 -3.21 11.19 -17.96
N GLU B 107 -3.16 11.17 -19.30
CA GLU B 107 -4.38 11.33 -20.08
C GLU B 107 -5.38 10.21 -19.79
N ALA B 108 -4.89 9.03 -19.41
CA ALA B 108 -5.76 7.90 -19.15
C ALA B 108 -6.79 8.20 -18.06
N VAL B 109 -6.43 9.05 -17.10
CA VAL B 109 -7.38 9.43 -16.06
C VAL B 109 -8.51 10.26 -16.65
N THR B 110 -8.18 11.20 -17.54
CA THR B 110 -9.21 12.01 -18.18
C THR B 110 -10.12 11.17 -19.06
N ILE B 111 -9.53 10.22 -19.79
CA ILE B 111 -10.31 9.39 -20.71
C ILE B 111 -11.33 8.56 -19.95
N PHE B 112 -10.87 7.85 -18.91
CA PHE B 112 -11.79 7.03 -18.12
C PHE B 112 -12.75 7.86 -17.30
N GLU B 113 -12.39 9.11 -16.97
CA GLU B 113 -13.30 9.95 -16.19
C GLU B 113 -14.50 10.40 -17.03
N GLU B 114 -14.29 10.64 -18.32
CA GLU B 114 -15.41 11.06 -19.15
C GLU B 114 -16.32 9.89 -19.52
N ARG B 115 -15.74 8.72 -19.77
CA ARG B 115 -16.55 7.56 -20.11
C ARG B 115 -17.45 7.17 -18.95
N LEU B 116 -16.94 7.26 -17.72
CA LEU B 116 -17.76 6.94 -16.56
C LEU B 116 -18.96 7.89 -16.44
N VAL B 117 -18.73 9.18 -16.67
CA VAL B 117 -19.79 10.17 -16.49
C VAL B 117 -20.84 10.03 -17.60
N GLU B 118 -20.40 9.88 -18.84
CA GLU B 118 -21.36 9.73 -19.94
C GLU B 118 -22.11 8.41 -19.90
N ARG B 119 -21.85 7.56 -18.91
CA ARG B 119 -22.61 6.33 -18.71
C ARG B 119 -23.35 6.35 -17.37
N GLY B 120 -23.48 7.52 -16.74
CA GLY B 120 -24.35 7.69 -15.60
C GLY B 120 -23.67 7.68 -14.25
N ALA B 121 -22.39 7.33 -14.18
CA ALA B 121 -21.72 7.19 -12.89
C ALA B 121 -21.54 8.54 -12.22
N GLU B 122 -21.73 8.57 -10.90
CA GLU B 122 -21.54 9.78 -10.11
C GLU B 122 -20.06 9.93 -9.81
N LEU B 123 -19.38 10.76 -10.59
CA LEU B 123 -17.96 11.02 -10.33
C LEU B 123 -17.83 11.70 -8.97
N VAL B 124 -17.13 11.04 -8.05
CA VAL B 124 -17.08 11.44 -6.66
C VAL B 124 -15.93 12.39 -6.35
N GLN B 125 -14.82 12.28 -7.10
CA GLN B 125 -13.64 13.08 -6.85
C GLN B 125 -12.93 13.36 -8.17
N GLU B 126 -11.98 14.27 -8.12
CA GLU B 126 -11.05 14.42 -9.22
C GLU B 126 -10.02 13.29 -9.19
N GLY B 127 -9.63 12.82 -10.38
CA GLY B 127 -8.71 11.71 -10.47
C GLY B 127 -7.36 12.02 -9.86
N LEU B 128 -6.68 10.95 -9.47
CA LEU B 128 -5.35 11.06 -8.88
C LEU B 128 -4.31 10.65 -9.90
N LYS B 129 -3.30 11.50 -10.09
CA LYS B 129 -2.27 11.32 -11.09
C LYS B 129 -0.93 11.21 -10.38
N ILE B 130 -0.33 10.02 -10.43
CA ILE B 130 0.96 9.75 -9.81
C ILE B 130 2.01 9.64 -10.91
N GLU B 131 3.18 10.22 -10.66
CA GLU B 131 4.29 10.14 -11.60
C GLU B 131 5.07 8.86 -11.37
N LEU B 132 5.09 7.98 -12.37
CA LEU B 132 5.87 6.74 -12.35
C LEU B 132 5.41 5.90 -11.15
N ALA B 133 6.32 5.39 -10.33
CA ALA B 133 5.91 4.52 -9.22
C ALA B 133 5.65 5.35 -7.97
N PRO B 134 4.66 4.97 -7.16
CA PRO B 134 4.43 5.64 -5.87
C PRO B 134 5.44 5.23 -4.81
N GLU B 135 6.72 5.48 -5.09
CA GLU B 135 7.83 4.97 -4.31
C GLU B 135 8.44 6.00 -3.37
N ASP B 136 7.70 7.05 -3.03
CA ASP B 136 8.21 8.06 -2.12
C ASP B 136 7.10 8.54 -1.19
N GLU B 137 7.49 9.40 -0.26
CA GLU B 137 6.62 9.74 0.87
C GLU B 137 5.38 10.52 0.43
N GLU B 138 5.56 11.52 -0.43
CA GLU B 138 4.42 12.34 -0.83
C GLU B 138 3.54 11.66 -1.87
N ASP B 139 4.05 10.63 -2.57
CA ASP B 139 3.18 9.82 -3.42
C ASP B 139 2.33 8.88 -2.58
N VAL B 140 2.92 8.29 -1.53
CA VAL B 140 2.17 7.41 -0.64
C VAL B 140 1.06 8.19 0.06
N GLU B 141 1.35 9.41 0.49
CA GLU B 141 0.33 10.23 1.13
C GLU B 141 -0.71 10.71 0.14
N LYS B 142 -0.35 10.87 -1.13
CA LYS B 142 -1.33 11.22 -2.15
C LYS B 142 -2.34 10.09 -2.34
N CYS B 143 -1.83 8.86 -2.52
CA CYS B 143 -2.73 7.71 -2.61
C CYS B 143 -3.50 7.52 -1.32
N SER B 144 -2.88 7.80 -0.18
CA SER B 144 -3.56 7.69 1.10
C SER B 144 -4.71 8.67 1.20
N ASN B 145 -4.49 9.92 0.79
CA ASN B 145 -5.55 10.92 0.85
C ASN B 145 -6.64 10.64 -0.17
N PHE B 146 -6.24 10.19 -1.37
CA PHE B 146 -7.21 9.88 -2.42
C PHE B 146 -8.19 8.79 -1.96
N ALA B 147 -7.67 7.71 -1.38
CA ALA B 147 -8.53 6.61 -0.95
C ALA B 147 -9.36 7.00 0.27
N ILE B 148 -8.79 7.78 1.18
CA ILE B 148 -9.53 8.18 2.37
C ILE B 148 -10.68 9.10 2.00
N ALA B 149 -10.45 10.06 1.10
CA ALA B 149 -11.53 10.91 0.63
C ALA B 149 -12.64 10.08 0.01
N PHE B 150 -12.28 9.03 -0.74
CA PHE B 150 -13.29 8.17 -1.36
C PHE B 150 -14.10 7.42 -0.32
N ALA B 151 -13.53 7.12 0.85
CA ALA B 151 -14.25 6.38 1.88
C ALA B 151 -15.30 7.25 2.56
N GLU B 152 -15.07 8.56 2.65
CA GLU B 152 -16.04 9.46 3.27
C GLU B 152 -17.36 9.46 2.49
N LYS B 153 -17.28 9.42 1.16
CA LYS B 153 -18.49 9.43 0.35
C LYS B 153 -19.33 8.17 0.50
N PHE B 154 -18.91 7.23 1.34
CA PHE B 154 -19.69 6.02 1.60
C PHE B 154 -20.09 5.96 3.08
N1 FMN C . 15.89 -14.35 2.76
C2 FMN C . 15.60 -15.05 3.91
O2 FMN C . 14.44 -15.17 4.29
N3 FMN C . 16.62 -15.62 4.65
C4 FMN C . 17.94 -15.48 4.25
O4 FMN C . 18.85 -15.99 4.90
C4A FMN C . 18.23 -14.78 3.08
N5 FMN C . 19.53 -14.64 2.67
C5A FMN C . 19.82 -13.95 1.52
C6 FMN C . 21.14 -13.81 1.10
C7 FMN C . 21.44 -13.10 -0.05
C7M FMN C . 22.86 -12.96 -0.50
C8 FMN C . 20.41 -12.53 -0.80
C8M FMN C . 20.72 -11.77 -2.06
C9 FMN C . 19.09 -12.67 -0.39
C9A FMN C . 18.79 -13.37 0.77
N10 FMN C . 17.48 -13.49 1.19
C10 FMN C . 17.19 -14.21 2.34
C1' FMN C . 16.36 -12.90 0.39
C2' FMN C . 16.00 -11.46 0.74
O2' FMN C . 15.65 -11.36 2.10
C3' FMN C . 14.83 -11.04 -0.14
O3' FMN C . 15.29 -10.83 -1.46
C4' FMN C . 14.10 -9.78 0.35
O4' FMN C . 12.83 -9.74 -0.25
C5' FMN C . 14.84 -8.50 0.02
O5' FMN C . 14.11 -7.42 0.56
P FMN C . 14.42 -5.89 0.17
O1P FMN C . 13.87 -5.61 -1.20
O2P FMN C . 13.76 -4.97 1.17
O3P FMN C . 15.91 -5.65 0.17
CA CA D . 0.76 -15.76 -3.43
CA CA E . 5.40 -11.97 -2.83
N1 FMN F . 2.75 8.85 -19.62
C2 FMN F . 1.86 9.90 -19.75
O2 FMN F . 1.45 10.48 -18.75
N3 FMN F . 1.42 10.28 -21.00
C4 FMN F . 1.87 9.63 -22.13
O4 FMN F . 1.48 9.97 -23.24
C4A FMN F . 2.77 8.58 -22.00
N5 FMN F . 3.23 7.92 -23.13
C5A FMN F . 4.12 6.88 -22.99
C6 FMN F . 4.58 6.22 -24.13
C7 FMN F . 5.48 5.17 -24.02
C7M FMN F . 5.97 4.47 -25.24
C8 FMN F . 5.92 4.78 -22.75
C8M FMN F . 6.90 3.64 -22.62
C9 FMN F . 5.47 5.44 -21.62
C9A FMN F . 4.56 6.49 -21.73
N10 FMN F . 4.11 7.14 -20.60
C10 FMN F . 3.21 8.18 -20.74
C1' FMN F . 4.59 6.74 -19.24
C2' FMN F . 3.79 5.61 -18.57
O2' FMN F . 2.43 5.95 -18.51
C3' FMN F . 4.34 5.41 -17.17
O3' FMN F . 5.60 4.76 -17.25
C4' FMN F . 3.42 4.61 -16.25
O4' FMN F . 3.76 4.88 -14.91
C5' FMN F . 3.52 3.11 -16.48
O5' FMN F . 2.68 2.47 -15.54
P FMN F . 2.68 0.87 -15.35
O1P FMN F . 3.90 0.48 -14.54
O2P FMN F . 1.43 0.45 -14.60
O3P FMN F . 2.72 0.18 -16.69
O1 PG4 G . 5.12 -3.88 -8.44
C1 PG4 G . 3.69 -4.06 -8.38
C2 PG4 G . 3.31 -4.50 -6.98
O2 PG4 G . 3.45 -3.43 -6.06
C3 PG4 G . 3.57 -3.91 -4.72
C4 PG4 G . 2.88 -2.96 -3.74
O3 PG4 G . 3.60 -1.72 -3.66
C5 PG4 G . 3.07 -0.88 -2.63
C6 PG4 G . 3.78 0.46 -2.69
O4 PG4 G . 5.11 0.26 -3.16
C7 PG4 G . 5.80 1.49 -3.35
C8 PG4 G . 7.06 1.24 -4.15
O5 PG4 G . 7.88 0.27 -3.47
CA CA H . 6.61 8.77 -8.09
NA NA I . -19.40 -9.69 -21.54
NA NA J . -16.46 11.64 -25.11
#